data_8X6A
#
_entry.id   8X6A
#
_cell.length_a   76.869
_cell.length_b   83.882
_cell.length_c   62.008
_cell.angle_alpha   90.00
_cell.angle_beta   100.36
_cell.angle_gamma   90.00
#
_symmetry.space_group_name_H-M   'C 1 2 1'
#
loop_
_entity.id
_entity.type
_entity.pdbx_description
1 polymer '4-hydroxyphenylpyruvate dioxygenase'
2 non-polymer 'COBALT (II) ION'
3 non-polymer 2-[[4-[2-(4-methylphenyl)-2-oxidanylidene-ethyl]-3-oxidanylidene-1,4-benzothiazin-6-yl]-oxidanyl-methylidene]cyclohexane-1,3-dione
4 water water
#
_entity_poly.entity_id   1
_entity_poly.type   'polypeptide(L)'
_entity_poly.pdbx_seq_one_letter_code
;GSHMVRKNPKSDKFKVKRFHHIEFWCGDATNVARRFSWGLGMRFSAKSDLSTGNMVHASYLLTSGDLRFLFTAPYSPSLS
AGEIKPTTTASIPSFDHGSCRSFFSSHGLGVRAVAIEVEDAESAFSISVANGAIPSSPPIVLNEAVTIAEVKLYGDVVLR
YVSYKAEDTEKSEFLPGFERVEDASSFPLDYGIRRLDHAVGNVPELGPALTYVAGFTGFHQFAEFTADDVGTAESGLNSA
VLASNDEMVLLPINEPVHGTKRKSQIQTYLEHNEGAGLQHLALMSEDIFRTLREMRKRSSIGGFDFMPSPPPTYYQNLKK
RVGDVLSDDQIKECEELGILVDRDDQGTLLQIFTKPLGDRPTIFIEIIQRVGCMMKDEEGKAYQSGGCGGFGKGNFSELF
KSIEEYEKTLEAKQLVG
;
_entity_poly.pdbx_strand_id   A
#
loop_
_chem_comp.id
_chem_comp.type
_chem_comp.name
_chem_comp.formula
CO non-polymer 'COBALT (II) ION' 'Co 2'
YFC non-polymer 2-[[4-[2-(4-methylphenyl)-2-oxidanylidene-ethyl]-3-oxidanylidene-1,4-benzothiazin-6-yl]-oxidanyl-methylidene]cyclohexane-1,3-dione 'C24 H21 N O5 S'
#
# COMPACT_ATOMS: atom_id res chain seq x y z
N LYS A 7 -10.84 -0.32 22.46
CA LYS A 7 -12.25 -0.46 22.12
C LYS A 7 -12.42 -0.60 20.61
N ASN A 8 -13.36 -1.46 20.21
CA ASN A 8 -13.67 -1.69 18.80
C ASN A 8 -15.19 -1.76 18.67
N PRO A 9 -15.84 -0.65 18.30
CA PRO A 9 -17.31 -0.65 18.22
C PRO A 9 -17.88 -1.48 17.08
N LYS A 10 -17.04 -2.01 16.19
CA LYS A 10 -17.49 -2.80 15.04
C LYS A 10 -18.58 -2.06 14.27
N SER A 11 -18.24 -0.85 13.82
CA SER A 11 -19.23 0.06 13.23
C SER A 11 -19.20 0.12 11.71
N ASP A 12 -18.52 -0.83 11.04
CA ASP A 12 -18.49 -0.85 9.59
C ASP A 12 -19.90 -0.78 9.02
N LYS A 13 -20.11 0.13 8.06
CA LYS A 13 -21.42 0.32 7.48
C LYS A 13 -21.73 -0.69 6.38
N PHE A 14 -20.75 -1.49 5.98
CA PHE A 14 -20.95 -2.57 5.03
C PHE A 14 -19.91 -3.65 5.31
N LYS A 15 -20.14 -4.84 4.77
CA LYS A 15 -19.27 -5.97 5.07
C LYS A 15 -17.99 -5.85 4.25
N VAL A 16 -16.86 -5.71 4.95
CA VAL A 16 -15.55 -5.58 4.33
C VAL A 16 -14.79 -6.86 4.59
N LYS A 17 -14.09 -7.36 3.60
CA LYS A 17 -13.31 -8.55 3.79
C LYS A 17 -11.83 -8.23 3.98
N ARG A 18 -11.03 -8.18 2.95
CA ARG A 18 -9.60 -7.91 3.10
C ARG A 18 -9.17 -6.98 1.99
N PHE A 19 -7.98 -6.41 2.15
CA PHE A 19 -7.34 -5.73 1.04
C PHE A 19 -7.29 -6.67 -0.15
N HIS A 20 -7.61 -6.14 -1.33
CA HIS A 20 -7.65 -6.94 -2.55
C HIS A 20 -6.49 -6.66 -3.49
N HIS A 21 -6.28 -5.40 -3.85
CA HIS A 21 -5.13 -5.07 -4.68
C HIS A 21 -4.79 -3.59 -4.51
N ILE A 22 -3.63 -3.23 -5.01
CA ILE A 22 -3.19 -1.83 -5.09
C ILE A 22 -2.89 -1.56 -6.55
N GLU A 23 -3.45 -0.48 -7.10
CA GLU A 23 -3.18 -0.09 -8.48
C GLU A 23 -2.30 1.15 -8.56
N PHE A 24 -1.17 1.02 -9.25
CA PHE A 24 -0.28 2.13 -9.57
C PHE A 24 -0.66 2.68 -10.92
N TRP A 25 -0.76 3.99 -11.03
CA TRP A 25 -0.87 4.62 -12.34
C TRP A 25 0.52 5.07 -12.78
N CYS A 26 0.89 4.69 -14.01
CA CYS A 26 2.26 4.74 -14.52
C CYS A 26 2.27 5.47 -15.87
N GLY A 27 3.46 5.89 -16.25
CA GLY A 27 3.66 6.30 -17.63
C GLY A 27 3.87 5.10 -18.53
N ASP A 28 4.71 4.17 -18.09
CA ASP A 28 4.96 2.92 -18.80
C ASP A 28 4.82 1.79 -17.79
N ALA A 29 3.76 0.99 -17.94
CA ALA A 29 3.48 -0.04 -16.95
C ALA A 29 4.48 -1.18 -17.03
N THR A 30 4.97 -1.48 -18.24
CA THR A 30 5.89 -2.60 -18.42
C THR A 30 7.16 -2.41 -17.61
N ASN A 31 7.75 -1.21 -17.68
CA ASN A 31 9.02 -1.02 -17.01
C ASN A 31 8.87 -0.96 -15.50
N VAL A 32 7.79 -0.33 -15.00
CA VAL A 32 7.58 -0.31 -13.56
C VAL A 32 7.30 -1.71 -13.04
N ALA A 33 6.41 -2.43 -13.72
CA ALA A 33 6.09 -3.79 -13.28
C ALA A 33 7.32 -4.70 -13.28
N ARG A 34 8.18 -4.60 -14.30
CA ARG A 34 9.36 -5.46 -14.33
C ARG A 34 10.33 -5.11 -13.21
N ARG A 35 10.54 -3.81 -12.96
CA ARG A 35 11.39 -3.38 -11.86
C ARG A 35 10.85 -3.89 -10.53
N PHE A 36 9.54 -3.69 -10.27
CA PHE A 36 8.94 -4.13 -9.01
C PHE A 36 9.00 -5.65 -8.86
N SER A 37 8.77 -6.40 -9.94
CA SER A 37 8.82 -7.86 -9.87
C SER A 37 10.18 -8.33 -9.36
N TRP A 38 11.26 -7.82 -9.95
CA TRP A 38 12.60 -8.22 -9.54
C TRP A 38 12.94 -7.69 -8.14
N GLY A 39 12.56 -6.45 -7.83
CA GLY A 39 12.95 -5.86 -6.57
C GLY A 39 12.23 -6.45 -5.37
N LEU A 40 10.97 -6.87 -5.55
CA LEU A 40 10.15 -7.38 -4.45
C LEU A 40 9.91 -8.88 -4.50
N GLY A 41 10.30 -9.55 -5.58
CA GLY A 41 10.07 -10.98 -5.68
C GLY A 41 8.61 -11.29 -5.88
N MET A 42 7.98 -10.62 -6.84
CA MET A 42 6.59 -10.85 -7.17
C MET A 42 6.51 -11.42 -8.57
N ARG A 43 5.59 -12.34 -8.79
CA ARG A 43 5.47 -13.00 -10.08
C ARG A 43 4.41 -12.32 -10.94
N PHE A 44 4.67 -12.29 -12.25
CA PHE A 44 3.68 -11.81 -13.21
C PHE A 44 2.57 -12.85 -13.30
N SER A 45 1.34 -12.48 -12.94
CA SER A 45 0.26 -13.45 -12.92
C SER A 45 -0.91 -13.16 -13.85
N ALA A 46 -1.14 -11.92 -14.26
CA ALA A 46 -2.25 -11.63 -15.16
C ALA A 46 -1.93 -10.38 -15.97
N LYS A 47 -2.59 -10.25 -17.13
CA LYS A 47 -2.38 -9.08 -17.97
C LYS A 47 -3.67 -8.72 -18.70
N SER A 48 -3.79 -7.43 -19.03
CA SER A 48 -4.85 -6.94 -19.90
C SER A 48 -4.18 -5.85 -20.72
N ASP A 49 -4.06 -6.07 -22.02
CA ASP A 49 -3.28 -5.18 -22.88
C ASP A 49 -3.67 -5.45 -24.32
N LEU A 50 -2.87 -4.94 -25.26
CA LEU A 50 -3.20 -5.12 -26.68
C LEU A 50 -3.35 -6.59 -27.03
N SER A 51 -2.51 -7.44 -26.43
CA SER A 51 -2.55 -8.87 -26.74
C SER A 51 -3.82 -9.54 -26.25
N THR A 52 -4.58 -8.91 -25.35
CA THR A 52 -5.83 -9.47 -24.87
C THR A 52 -7.03 -8.71 -25.42
N GLY A 53 -6.82 -7.80 -26.37
CA GLY A 53 -7.88 -7.04 -26.99
C GLY A 53 -8.16 -5.69 -26.37
N ASN A 54 -7.40 -5.28 -25.36
CA ASN A 54 -7.61 -4.01 -24.67
C ASN A 54 -6.87 -2.93 -25.44
N MET A 55 -7.63 -2.04 -26.10
CA MET A 55 -7.05 -0.95 -26.89
C MET A 55 -6.91 0.34 -26.10
N VAL A 56 -7.23 0.30 -24.81
CA VAL A 56 -7.36 1.49 -23.98
C VAL A 56 -6.18 1.64 -23.02
N HIS A 57 -5.90 0.61 -22.23
CA HIS A 57 -4.87 0.67 -21.21
C HIS A 57 -4.09 -0.64 -21.18
N ALA A 58 -2.83 -0.54 -20.74
CA ALA A 58 -2.01 -1.71 -20.48
C ALA A 58 -1.97 -1.92 -18.98
N SER A 59 -2.34 -3.11 -18.53
CA SER A 59 -2.39 -3.40 -17.09
C SER A 59 -1.72 -4.75 -16.83
N TYR A 60 -0.78 -4.76 -15.88
CA TYR A 60 -0.01 -5.96 -15.54
C TYR A 60 -0.11 -6.21 -14.04
N LEU A 61 -0.47 -7.44 -13.68
CA LEU A 61 -0.68 -7.81 -12.29
C LEU A 61 0.48 -8.65 -11.80
N LEU A 62 1.09 -8.23 -10.70
CA LEU A 62 2.09 -9.00 -9.98
C LEU A 62 1.49 -9.53 -8.68
N THR A 63 1.91 -10.72 -8.26
CA THR A 63 1.42 -11.29 -7.01
C THR A 63 2.56 -11.87 -6.18
N SER A 64 2.40 -11.79 -4.87
CA SER A 64 3.24 -12.55 -3.93
C SER A 64 2.32 -12.97 -2.80
N GLY A 65 2.08 -14.28 -2.67
CA GLY A 65 1.05 -14.72 -1.74
C GLY A 65 -0.28 -14.07 -2.09
N ASP A 66 -0.86 -13.36 -1.11
CA ASP A 66 -2.12 -12.67 -1.32
C ASP A 66 -1.93 -11.22 -1.76
N LEU A 67 -0.70 -10.74 -1.85
CA LEU A 67 -0.45 -9.36 -2.26
C LEU A 67 -0.59 -9.25 -3.77
N ARG A 68 -1.37 -8.28 -4.21
CA ARG A 68 -1.62 -8.04 -5.63
C ARG A 68 -1.29 -6.59 -5.92
N PHE A 69 -0.28 -6.37 -6.78
CA PHE A 69 0.06 -5.05 -7.28
C PHE A 69 -0.30 -4.98 -8.76
N LEU A 70 -1.09 -3.98 -9.14
CA LEU A 70 -1.51 -3.76 -10.53
C LEU A 70 -0.85 -2.49 -11.04
N PHE A 71 -0.28 -2.56 -12.25
CA PHE A 71 0.42 -1.44 -12.87
C PHE A 71 -0.29 -1.12 -14.18
N THR A 72 -0.80 0.11 -14.30
CA THR A 72 -1.60 0.50 -15.47
C THR A 72 -1.09 1.80 -16.07
N ALA A 73 -1.06 1.85 -17.40
CA ALA A 73 -0.71 3.02 -18.18
C ALA A 73 -1.62 3.13 -19.40
N PRO A 74 -1.88 4.33 -19.86
CA PRO A 74 -2.74 4.50 -21.04
C PRO A 74 -1.97 4.32 -22.35
N TYR A 75 -2.65 3.75 -23.33
CA TYR A 75 -2.20 3.78 -24.72
C TYR A 75 -2.56 5.13 -25.33
N SER A 76 -2.13 5.33 -26.57
CA SER A 76 -2.63 6.48 -27.33
C SER A 76 -4.15 6.45 -27.40
N PRO A 77 -4.84 7.55 -27.10
CA PRO A 77 -6.30 7.57 -27.26
C PRO A 77 -6.77 7.25 -28.66
N SER A 78 -5.91 7.47 -29.67
CA SER A 78 -6.33 7.20 -31.05
C SER A 78 -6.71 5.74 -31.27
N LEU A 79 -6.11 4.81 -30.51
CA LEU A 79 -6.40 3.39 -30.72
C LEU A 79 -7.85 3.06 -30.40
N SER A 80 -8.47 3.85 -29.52
CA SER A 80 -9.83 3.59 -29.05
C SER A 80 -10.78 4.74 -29.35
N ALA A 81 -10.41 5.62 -30.28
CA ALA A 81 -11.17 6.85 -30.52
C ALA A 81 -12.60 6.56 -30.97
N GLY A 82 -12.83 5.43 -31.63
CA GLY A 82 -14.16 5.09 -32.06
C GLY A 82 -15.00 4.41 -31.02
N GLU A 83 -14.44 4.11 -29.86
CA GLU A 83 -15.19 3.43 -28.80
C GLU A 83 -16.01 4.44 -28.00
N ILE A 84 -17.10 3.94 -27.41
CA ILE A 84 -17.82 4.63 -26.36
C ILE A 84 -17.86 3.69 -25.15
N LYS A 85 -18.30 4.20 -24.01
CA LYS A 85 -18.31 3.36 -22.82
C LYS A 85 -19.08 2.04 -23.04
N PRO A 86 -20.25 2.03 -23.68
CA PRO A 86 -20.91 0.74 -23.97
C PRO A 86 -20.10 -0.22 -24.84
N THR A 87 -19.17 0.27 -25.66
CA THR A 87 -18.39 -0.57 -26.57
C THR A 87 -16.91 -0.66 -26.17
N THR A 88 -16.58 -0.30 -24.94
CA THR A 88 -15.17 -0.17 -24.56
C THR A 88 -14.46 -1.53 -24.56
N THR A 89 -13.17 -1.49 -24.90
CA THR A 89 -12.30 -2.65 -24.74
C THR A 89 -11.47 -2.61 -23.47
N ALA A 90 -11.62 -1.55 -22.67
CA ALA A 90 -10.97 -1.50 -21.36
C ALA A 90 -11.50 -2.60 -20.45
N SER A 91 -10.60 -3.22 -19.70
CA SER A 91 -11.00 -4.20 -18.72
C SER A 91 -11.32 -3.60 -17.36
N ILE A 92 -10.88 -2.38 -17.12
CA ILE A 92 -11.18 -1.64 -15.91
C ILE A 92 -12.02 -0.43 -16.30
N PRO A 93 -13.35 -0.51 -16.17
CA PRO A 93 -14.22 0.50 -16.81
C PRO A 93 -14.10 1.88 -16.20
N SER A 94 -13.54 2.00 -14.99
CA SER A 94 -13.28 3.29 -14.40
C SER A 94 -12.10 4.01 -15.04
N PHE A 95 -11.28 3.32 -15.83
CA PHE A 95 -10.10 3.97 -16.38
C PHE A 95 -10.48 5.08 -17.35
N ASP A 96 -9.73 6.17 -17.32
CA ASP A 96 -9.91 7.27 -18.25
C ASP A 96 -8.54 7.83 -18.64
N HIS A 97 -8.29 7.97 -19.95
CA HIS A 97 -6.98 8.45 -20.41
C HIS A 97 -6.63 9.78 -19.77
N GLY A 98 -7.54 10.74 -19.83
CA GLY A 98 -7.25 12.06 -19.30
C GLY A 98 -6.98 12.06 -17.82
N SER A 99 -7.78 11.31 -17.04
CA SER A 99 -7.54 11.23 -15.61
C SER A 99 -6.17 10.63 -15.32
N CYS A 100 -5.83 9.55 -16.02
CA CYS A 100 -4.54 8.89 -15.80
C CYS A 100 -3.37 9.80 -16.15
N ARG A 101 -3.42 10.47 -17.30
CA ARG A 101 -2.32 11.36 -17.65
C ARG A 101 -2.23 12.53 -16.68
N SER A 102 -3.38 13.08 -16.26
CA SER A 102 -3.39 14.18 -15.31
C SER A 102 -2.82 13.75 -13.96
N PHE A 103 -3.24 12.57 -13.48
CA PHE A 103 -2.72 12.05 -12.22
C PHE A 103 -1.21 11.93 -12.30
N PHE A 104 -0.71 11.33 -13.34
CA PHE A 104 0.72 11.12 -13.46
C PHE A 104 1.53 12.41 -13.64
N SER A 105 0.98 13.33 -14.40
CA SER A 105 1.65 14.61 -14.55
C SER A 105 1.72 15.35 -13.22
N SER A 106 0.65 15.27 -12.43
CA SER A 106 0.60 16.00 -11.17
C SER A 106 1.45 15.34 -10.10
N HIS A 107 1.31 14.02 -9.95
CA HIS A 107 1.86 13.33 -8.78
C HIS A 107 3.08 12.47 -9.08
N GLY A 108 3.36 12.17 -10.35
CA GLY A 108 4.32 11.17 -10.71
C GLY A 108 3.81 9.78 -10.35
N LEU A 109 4.72 8.81 -10.43
CA LEU A 109 4.37 7.42 -10.17
C LEU A 109 3.80 7.25 -8.77
N GLY A 110 2.65 6.61 -8.67
CA GLY A 110 2.05 6.46 -7.35
C GLY A 110 0.79 5.64 -7.42
N VAL A 111 0.18 5.49 -6.24
CA VAL A 111 -1.00 4.65 -6.10
C VAL A 111 -2.26 5.45 -6.45
N ARG A 112 -3.01 4.95 -7.42
CA ARG A 112 -4.32 5.51 -7.74
C ARG A 112 -5.43 4.85 -6.94
N ALA A 113 -5.39 3.53 -6.74
CA ALA A 113 -6.50 2.83 -6.10
C ALA A 113 -6.01 1.91 -4.99
N VAL A 114 -6.64 2.04 -3.84
CA VAL A 114 -6.56 1.07 -2.75
C VAL A 114 -7.84 0.25 -2.84
N ALA A 115 -7.73 -1.02 -3.21
CA ALA A 115 -8.91 -1.84 -3.45
C ALA A 115 -9.12 -2.80 -2.30
N ILE A 116 -10.35 -2.83 -1.78
CA ILE A 116 -10.74 -3.77 -0.74
C ILE A 116 -11.84 -4.66 -1.30
N GLU A 117 -11.81 -5.93 -0.94
CA GLU A 117 -12.91 -6.82 -1.31
C GLU A 117 -14.03 -6.65 -0.29
N VAL A 118 -15.25 -6.53 -0.79
CA VAL A 118 -16.44 -6.38 0.04
C VAL A 118 -17.43 -7.46 -0.40
N GLU A 119 -18.52 -7.59 0.36
CA GLU A 119 -19.48 -8.61 -0.05
C GLU A 119 -20.32 -8.15 -1.24
N ASP A 120 -20.59 -6.86 -1.34
CA ASP A 120 -21.43 -6.32 -2.42
C ASP A 120 -20.93 -4.92 -2.73
N ALA A 121 -20.24 -4.78 -3.86
CA ALA A 121 -19.66 -3.48 -4.20
C ALA A 121 -20.71 -2.43 -4.54
N GLU A 122 -21.86 -2.84 -5.10
CA GLU A 122 -22.93 -1.88 -5.34
C GLU A 122 -23.49 -1.34 -4.03
N SER A 123 -23.72 -2.21 -3.06
CA SER A 123 -24.18 -1.77 -1.75
C SER A 123 -23.16 -0.90 -1.06
N ALA A 124 -21.89 -1.34 -1.06
CA ALA A 124 -20.84 -0.55 -0.43
C ALA A 124 -20.78 0.85 -1.03
N PHE A 125 -20.87 0.94 -2.36
CA PHE A 125 -20.88 2.24 -3.02
C PHE A 125 -22.08 3.07 -2.56
N SER A 126 -23.26 2.47 -2.59
CA SER A 126 -24.49 3.17 -2.24
C SER A 126 -24.44 3.71 -0.82
N ILE A 127 -24.08 2.84 0.13
CA ILE A 127 -23.99 3.24 1.53
C ILE A 127 -22.91 4.29 1.73
N SER A 128 -21.76 4.11 1.08
CA SER A 128 -20.68 5.10 1.23
C SER A 128 -21.14 6.48 0.80
N VAL A 129 -21.75 6.57 -0.38
CA VAL A 129 -22.15 7.86 -0.91
C VAL A 129 -23.28 8.45 -0.07
N ALA A 130 -24.21 7.60 0.39
CA ALA A 130 -25.25 8.07 1.30
C ALA A 130 -24.65 8.65 2.57
N ASN A 131 -23.46 8.21 2.96
CA ASN A 131 -22.79 8.67 4.16
C ASN A 131 -21.62 9.61 3.88
N GLY A 132 -21.63 10.31 2.75
CA GLY A 132 -20.72 11.40 2.53
C GLY A 132 -19.58 11.14 1.56
N ALA A 133 -19.39 9.89 1.12
CA ALA A 133 -18.31 9.62 0.17
C ALA A 133 -18.54 10.35 -1.14
N ILE A 134 -17.47 10.88 -1.71
CA ILE A 134 -17.53 11.53 -3.02
C ILE A 134 -17.40 10.43 -4.08
N PRO A 135 -18.41 10.23 -4.92
CA PRO A 135 -18.33 9.17 -5.92
C PRO A 135 -17.23 9.44 -6.93
N SER A 136 -16.55 8.38 -7.35
CA SER A 136 -15.53 8.48 -8.38
C SER A 136 -15.87 7.66 -9.61
N SER A 137 -16.36 6.43 -9.43
CA SER A 137 -16.80 5.59 -10.51
C SER A 137 -17.95 4.73 -10.01
N PRO A 138 -19.07 4.71 -10.72
CA PRO A 138 -20.24 4.01 -10.21
C PRO A 138 -20.06 2.51 -10.33
N PRO A 139 -20.88 1.72 -9.63
CA PRO A 139 -20.76 0.27 -9.72
C PRO A 139 -20.97 -0.21 -11.15
N ILE A 140 -20.08 -1.08 -11.60
CA ILE A 140 -20.18 -1.67 -12.92
C ILE A 140 -19.98 -3.16 -12.76
N VAL A 141 -20.86 -3.94 -13.36
CA VAL A 141 -20.81 -5.40 -13.29
C VAL A 141 -20.06 -5.91 -14.51
N LEU A 142 -18.97 -6.64 -14.28
CA LEU A 142 -18.12 -7.16 -15.34
C LEU A 142 -18.46 -8.63 -15.56
N ASN A 143 -18.88 -8.95 -16.79
CA ASN A 143 -19.17 -10.33 -17.19
C ASN A 143 -20.11 -11.04 -16.21
N GLU A 144 -21.03 -10.26 -15.62
CA GLU A 144 -22.00 -10.79 -14.66
C GLU A 144 -21.32 -11.58 -13.55
N ALA A 145 -20.10 -11.20 -13.19
CA ALA A 145 -19.31 -12.02 -12.27
C ALA A 145 -18.61 -11.20 -11.20
N VAL A 146 -18.16 -9.99 -11.55
CA VAL A 146 -17.44 -9.13 -10.61
C VAL A 146 -18.03 -7.74 -10.69
N THR A 147 -18.20 -7.11 -9.52
CA THR A 147 -18.67 -5.72 -9.47
C THR A 147 -17.57 -4.84 -8.89
N ILE A 148 -17.36 -3.68 -9.51
CA ILE A 148 -16.33 -2.73 -9.11
C ILE A 148 -16.93 -1.33 -9.00
N ALA A 149 -16.54 -0.59 -7.97
CA ALA A 149 -17.00 0.77 -7.75
C ALA A 149 -15.90 1.52 -7.02
N GLU A 150 -15.89 2.85 -7.16
CA GLU A 150 -14.82 3.66 -6.58
C GLU A 150 -15.36 4.94 -5.97
N VAL A 151 -14.84 5.29 -4.79
CA VAL A 151 -15.11 6.58 -4.17
C VAL A 151 -13.79 7.25 -3.84
N LYS A 152 -13.82 8.56 -3.65
CA LYS A 152 -12.59 9.27 -3.33
C LYS A 152 -12.14 8.99 -1.90
N LEU A 153 -10.84 8.73 -1.74
CA LEU A 153 -10.25 8.46 -0.42
C LEU A 153 -9.55 9.70 0.13
N TYR A 154 -8.50 10.16 -0.56
CA TYR A 154 -7.81 11.41 -0.26
C TYR A 154 -7.02 11.78 -1.51
N GLY A 155 -6.84 13.08 -1.72
CA GLY A 155 -6.17 13.54 -2.92
C GLY A 155 -6.83 12.96 -4.16
N ASP A 156 -6.01 12.38 -5.05
CA ASP A 156 -6.52 11.69 -6.22
C ASP A 156 -6.47 10.18 -6.06
N VAL A 157 -6.41 9.69 -4.82
CA VAL A 157 -6.47 8.26 -4.52
C VAL A 157 -7.92 7.88 -4.31
N VAL A 158 -8.32 6.75 -4.88
CA VAL A 158 -9.67 6.22 -4.70
C VAL A 158 -9.62 4.99 -3.82
N LEU A 159 -10.70 4.78 -3.06
CA LEU A 159 -10.98 3.50 -2.42
C LEU A 159 -11.85 2.73 -3.38
N ARG A 160 -11.36 1.59 -3.84
CA ARG A 160 -12.05 0.77 -4.82
C ARG A 160 -12.68 -0.41 -4.11
N TYR A 161 -13.97 -0.62 -4.34
CA TYR A 161 -14.69 -1.77 -3.83
C TYR A 161 -14.79 -2.83 -4.92
N VAL A 162 -14.46 -4.07 -4.58
CA VAL A 162 -14.56 -5.19 -5.50
C VAL A 162 -15.37 -6.29 -4.81
N SER A 163 -16.34 -6.85 -5.54
CA SER A 163 -17.09 -7.99 -4.99
C SER A 163 -17.26 -9.05 -6.06
N TYR A 164 -17.24 -10.31 -5.64
CA TYR A 164 -17.30 -11.44 -6.55
C TYR A 164 -18.53 -12.27 -6.26
N LYS A 165 -19.24 -12.66 -7.32
CA LYS A 165 -20.38 -13.55 -7.17
C LYS A 165 -19.94 -14.90 -6.59
N ALA A 166 -18.86 -15.45 -7.13
CA ALA A 166 -18.32 -16.70 -6.60
C ALA A 166 -17.14 -16.41 -5.68
N PHE A 174 -8.46 -12.64 -11.72
CA PHE A 174 -8.37 -11.33 -11.10
C PHE A 174 -9.60 -10.51 -11.44
N LEU A 175 -9.75 -10.20 -12.72
CA LEU A 175 -10.91 -9.48 -13.23
C LEU A 175 -11.22 -10.05 -14.60
N PRO A 176 -12.49 -10.02 -15.01
CA PRO A 176 -12.82 -10.44 -16.38
C PRO A 176 -12.06 -9.60 -17.39
N GLY A 177 -11.62 -10.24 -18.47
CA GLY A 177 -10.81 -9.58 -19.45
C GLY A 177 -9.32 -9.66 -19.20
N PHE A 178 -8.91 -10.01 -17.98
CA PHE A 178 -7.51 -10.28 -17.71
C PHE A 178 -7.23 -11.73 -18.07
N GLU A 179 -6.03 -11.98 -18.60
CA GLU A 179 -5.59 -13.32 -18.95
C GLU A 179 -4.44 -13.72 -18.04
N ARG A 180 -4.43 -14.97 -17.60
CA ARG A 180 -3.29 -15.51 -16.87
C ARG A 180 -2.09 -15.59 -17.80
N VAL A 181 -0.91 -15.22 -17.30
CA VAL A 181 0.21 -15.05 -18.21
C VAL A 181 0.89 -16.38 -18.51
N GLU A 182 1.55 -16.43 -19.67
CA GLU A 182 2.28 -17.62 -20.10
C GLU A 182 3.36 -18.00 -19.10
N ASP A 183 3.67 -19.30 -19.06
CA ASP A 183 4.58 -19.82 -18.04
C ASP A 183 5.97 -19.18 -18.11
N ALA A 184 6.51 -19.03 -19.32
CA ALA A 184 7.90 -18.60 -19.48
C ALA A 184 8.10 -17.20 -18.91
N SER A 185 7.11 -16.33 -19.09
CA SER A 185 7.14 -14.97 -18.57
C SER A 185 6.75 -14.91 -17.10
N SER A 186 6.33 -16.03 -16.51
CA SER A 186 5.91 -16.08 -15.11
C SER A 186 6.95 -16.87 -14.32
N PHE A 187 8.12 -16.28 -14.16
CA PHE A 187 9.14 -16.86 -13.31
C PHE A 187 8.68 -16.81 -11.86
N PRO A 188 8.78 -17.91 -11.11
CA PRO A 188 8.16 -17.96 -9.78
C PRO A 188 9.04 -17.35 -8.69
N LEU A 189 9.32 -16.05 -8.83
CA LEU A 189 10.05 -15.35 -7.78
C LEU A 189 9.22 -15.31 -6.51
N ASP A 190 9.92 -15.32 -5.38
CA ASP A 190 9.26 -15.21 -4.08
C ASP A 190 10.30 -14.91 -3.02
N TYR A 191 10.24 -13.72 -2.41
CA TYR A 191 11.14 -13.37 -1.33
C TYR A 191 10.46 -13.41 0.04
N GLY A 192 9.23 -13.92 0.10
CA GLY A 192 8.51 -14.12 1.34
C GLY A 192 7.39 -13.14 1.63
N ILE A 193 7.16 -12.15 0.76
CA ILE A 193 6.06 -11.22 1.00
C ILE A 193 4.73 -11.93 0.78
N ARG A 194 3.75 -11.66 1.65
CA ARG A 194 2.51 -12.43 1.65
C ARG A 194 1.21 -11.63 1.57
N ARG A 195 1.16 -10.41 2.10
CA ARG A 195 -0.08 -9.65 2.00
C ARG A 195 0.19 -8.18 2.32
N LEU A 196 -0.79 -7.32 2.00
CA LEU A 196 -0.74 -5.92 2.39
C LEU A 196 -1.20 -5.80 3.83
N ASP A 197 -0.35 -5.23 4.69
CA ASP A 197 -0.73 -5.03 6.09
C ASP A 197 -1.47 -3.71 6.30
N HIS A 198 -0.94 -2.62 5.74
CA HIS A 198 -1.56 -1.32 5.88
C HIS A 198 -1.17 -0.42 4.72
N ALA A 199 -1.97 0.61 4.50
CA ALA A 199 -1.74 1.58 3.43
C ALA A 199 -1.98 2.96 4.02
N VAL A 200 -1.02 3.86 3.85
CA VAL A 200 -0.93 5.10 4.63
C VAL A 200 -1.03 6.30 3.69
N GLY A 201 -1.90 7.24 4.05
CA GLY A 201 -2.05 8.48 3.30
C GLY A 201 -1.44 9.66 4.03
N ASN A 202 -0.93 10.62 3.26
CA ASN A 202 -0.50 11.92 3.79
C ASN A 202 -1.49 12.98 3.33
N VAL A 203 -1.94 13.80 4.26
CA VAL A 203 -2.91 14.86 3.98
C VAL A 203 -2.44 16.14 4.66
N PRO A 204 -2.91 17.30 4.20
CA PRO A 204 -2.57 18.54 4.91
C PRO A 204 -3.23 18.65 6.28
N GLU A 205 -4.42 18.08 6.47
CA GLU A 205 -5.17 18.24 7.71
C GLU A 205 -5.77 16.89 8.12
N LEU A 206 -5.30 16.35 9.23
CA LEU A 206 -5.71 15.02 9.65
C LEU A 206 -7.19 14.97 10.04
N GLY A 207 -7.65 15.96 10.81
CA GLY A 207 -9.00 15.96 11.33
C GLY A 207 -10.08 15.75 10.28
N PRO A 208 -10.13 16.64 9.29
CA PRO A 208 -11.13 16.50 8.22
C PRO A 208 -10.98 15.22 7.41
N ALA A 209 -9.75 14.73 7.23
CA ALA A 209 -9.57 13.50 6.49
C ALA A 209 -10.17 12.31 7.23
N LEU A 210 -9.90 12.22 8.53
CA LEU A 210 -10.44 11.14 9.35
C LEU A 210 -11.96 11.20 9.39
N THR A 211 -12.51 12.39 9.62
CA THR A 211 -13.96 12.54 9.69
C THR A 211 -14.61 12.08 8.40
N TYR A 212 -14.02 12.44 7.26
CA TYR A 212 -14.59 12.06 5.97
C TYR A 212 -14.57 10.54 5.79
N VAL A 213 -13.40 9.91 5.96
CA VAL A 213 -13.30 8.49 5.67
C VAL A 213 -14.07 7.66 6.68
N ALA A 214 -13.86 7.92 7.97
CA ALA A 214 -14.64 7.22 8.99
C ALA A 214 -16.13 7.48 8.83
N GLY A 215 -16.49 8.66 8.33
CA GLY A 215 -17.90 8.97 8.12
C GLY A 215 -18.58 8.07 7.12
N PHE A 216 -17.91 7.76 5.99
CA PHE A 216 -18.56 6.95 4.98
C PHE A 216 -18.30 5.46 5.10
N THR A 217 -17.27 5.05 5.83
CA THR A 217 -16.99 3.63 6.00
C THR A 217 -17.55 3.06 7.29
N GLY A 218 -17.64 3.88 8.33
CA GLY A 218 -17.82 3.34 9.66
C GLY A 218 -16.58 2.71 10.24
N PHE A 219 -15.43 2.85 9.59
CA PHE A 219 -14.19 2.37 10.18
C PHE A 219 -13.92 3.11 11.49
N HIS A 220 -13.37 2.39 12.47
CA HIS A 220 -13.11 2.96 13.78
C HIS A 220 -11.64 3.31 13.97
N GLN A 221 -11.39 4.14 14.97
CA GLN A 221 -10.01 4.49 15.29
C GLN A 221 -9.33 3.32 15.98
N PHE A 222 -8.19 2.92 15.45
CA PHE A 222 -7.37 1.85 16.01
C PHE A 222 -6.40 2.49 16.99
N SER A 235 9.20 12.71 15.08
CA SER A 235 8.48 13.97 15.08
C SER A 235 8.14 14.43 13.66
N GLY A 236 7.45 15.56 13.56
CA GLY A 236 7.06 16.12 12.29
C GLY A 236 5.70 15.71 11.78
N LEU A 237 4.96 14.88 12.52
CA LEU A 237 3.67 14.41 12.06
C LEU A 237 2.74 14.14 13.24
N ASN A 238 1.45 14.18 12.94
CA ASN A 238 0.40 13.55 13.74
C ASN A 238 -0.26 12.50 12.87
N SER A 239 -0.65 11.38 13.49
CA SER A 239 -1.20 10.26 12.75
C SER A 239 -2.34 9.63 13.53
N ALA A 240 -3.23 8.99 12.79
CA ALA A 240 -4.30 8.17 13.37
C ALA A 240 -4.65 7.08 12.36
N VAL A 241 -5.15 5.96 12.86
CA VAL A 241 -5.37 4.78 12.04
C VAL A 241 -6.86 4.42 12.05
N LEU A 242 -7.44 4.23 10.87
CA LEU A 242 -8.80 3.74 10.72
C LEU A 242 -8.79 2.25 10.38
N ALA A 243 -9.71 1.49 10.97
CA ALA A 243 -9.71 0.04 10.85
C ALA A 243 -11.12 -0.51 10.63
N SER A 244 -11.20 -1.58 9.85
CA SER A 244 -12.44 -2.33 9.67
C SER A 244 -12.76 -3.14 10.93
N ASN A 245 -13.91 -3.85 10.89
CA ASN A 245 -14.44 -4.53 12.07
C ASN A 245 -13.45 -5.52 12.65
N ASP A 246 -12.85 -6.36 11.82
CA ASP A 246 -11.87 -7.32 12.29
C ASP A 246 -10.45 -6.76 12.25
N GLU A 247 -10.30 -5.47 11.96
CA GLU A 247 -9.02 -4.76 11.99
C GLU A 247 -7.99 -5.35 11.04
N MET A 248 -8.46 -5.94 9.94
CA MET A 248 -7.57 -6.43 8.89
C MET A 248 -7.40 -5.44 7.75
N VAL A 249 -8.32 -4.50 7.58
CA VAL A 249 -8.11 -3.36 6.69
C VAL A 249 -7.73 -2.18 7.57
N LEU A 250 -6.50 -1.68 7.36
CA LEU A 250 -5.88 -0.69 8.22
C LEU A 250 -5.40 0.46 7.36
N LEU A 251 -5.92 1.65 7.65
CA LEU A 251 -5.65 2.85 6.85
C LEU A 251 -5.17 3.98 7.75
N PRO A 252 -3.88 4.02 8.06
CA PRO A 252 -3.33 5.19 8.75
C PRO A 252 -3.33 6.42 7.85
N ILE A 253 -3.44 7.58 8.50
CA ILE A 253 -3.39 8.88 7.83
C ILE A 253 -2.50 9.79 8.66
N ASN A 254 -1.60 10.53 8.00
CA ASN A 254 -0.65 11.43 8.65
C ASN A 254 -0.91 12.86 8.17
N GLU A 255 -0.67 13.82 9.06
CA GLU A 255 -0.60 15.23 8.70
C GLU A 255 0.74 15.79 9.16
N PRO A 256 1.22 16.87 8.55
CA PRO A 256 2.48 17.45 9.00
C PRO A 256 2.30 18.26 10.29
N VAL A 257 3.42 18.43 10.99
CA VAL A 257 3.50 19.36 12.12
C VAL A 257 4.52 20.42 11.75
N HIS A 258 4.07 21.66 11.61
CA HIS A 258 4.88 22.75 11.10
C HIS A 258 5.64 23.44 12.24
N GLY A 259 6.59 24.30 11.85
CA GLY A 259 7.40 25.04 12.78
C GLY A 259 8.49 24.24 13.46
N THR A 260 8.65 22.97 13.11
CA THR A 260 9.65 22.11 13.70
C THR A 260 11.05 22.44 13.17
N LYS A 261 12.07 22.05 13.93
CA LYS A 261 13.45 22.30 13.56
C LYS A 261 13.76 21.67 12.21
N ARG A 262 13.75 20.34 12.14
CA ARG A 262 13.86 19.64 10.88
C ARG A 262 12.50 19.64 10.19
N LYS A 263 12.47 20.04 8.92
CA LYS A 263 11.22 20.16 8.19
C LYS A 263 10.49 18.82 8.13
N SER A 264 9.17 18.87 8.26
CA SER A 264 8.36 17.66 8.32
C SER A 264 8.46 16.88 7.02
N GLN A 265 8.74 15.58 7.14
CA GLN A 265 8.75 14.72 5.97
C GLN A 265 7.35 14.63 5.34
N ILE A 266 6.31 14.86 6.11
CA ILE A 266 4.95 14.90 5.55
C ILE A 266 4.80 16.12 4.64
N GLN A 267 5.35 17.26 5.07
CA GLN A 267 5.25 18.47 4.25
C GLN A 267 6.07 18.34 2.98
N THR A 268 7.27 17.77 3.06
CA THR A 268 8.05 17.49 1.85
C THR A 268 7.25 16.62 0.89
N TYR A 269 6.61 15.56 1.40
CA TYR A 269 5.76 14.72 0.56
C TYR A 269 4.72 15.57 -0.15
N LEU A 270 3.97 16.38 0.61
CA LEU A 270 2.87 17.12 0.02
C LEU A 270 3.37 18.08 -1.04
N GLU A 271 4.56 18.67 -0.83
CA GLU A 271 5.12 19.58 -1.82
C GLU A 271 5.50 18.84 -3.10
N HIS A 272 6.22 17.73 -2.98
CA HIS A 272 6.69 17.02 -4.16
C HIS A 272 5.60 16.23 -4.86
N ASN A 273 4.57 15.80 -4.13
CA ASN A 273 3.45 15.07 -4.70
C ASN A 273 2.38 15.96 -5.28
N GLU A 274 2.47 17.29 -5.11
CA GLU A 274 1.38 18.20 -5.40
C GLU A 274 0.11 17.83 -4.62
N GLY A 275 0.26 17.65 -3.32
CA GLY A 275 -0.86 17.48 -2.43
C GLY A 275 -0.94 16.08 -1.86
N ALA A 276 -2.10 15.82 -1.25
CA ALA A 276 -2.35 14.57 -0.54
C ALA A 276 -2.23 13.38 -1.48
N GLY A 277 -1.87 12.24 -0.91
CA GLY A 277 -1.76 11.00 -1.66
C GLY A 277 -1.25 9.90 -0.76
N LEU A 278 -1.06 8.73 -1.35
CA LEU A 278 -0.60 7.57 -0.59
C LEU A 278 0.89 7.68 -0.32
N GLN A 279 1.27 7.61 0.96
CA GLN A 279 2.66 7.72 1.42
C GLN A 279 3.38 6.38 1.40
N HIS A 280 2.80 5.34 2.01
CA HIS A 280 3.51 4.06 2.02
C HIS A 280 2.58 2.87 2.04
N LEU A 281 3.09 1.76 1.54
CA LEU A 281 2.44 0.46 1.57
C LEU A 281 3.30 -0.43 2.45
N ALA A 282 2.69 -1.00 3.48
CA ALA A 282 3.41 -1.91 4.37
C ALA A 282 3.05 -3.33 4.00
N LEU A 283 4.07 -4.12 3.65
CA LEU A 283 3.92 -5.45 3.09
C LEU A 283 4.36 -6.45 4.15
N MET A 284 3.44 -7.34 4.55
CA MET A 284 3.79 -8.37 5.52
C MET A 284 4.60 -9.47 4.86
N SER A 285 5.67 -9.87 5.53
CA SER A 285 6.50 -11.00 5.13
C SER A 285 6.30 -12.14 6.12
N GLU A 286 6.33 -13.37 5.63
CA GLU A 286 6.35 -14.53 6.50
C GLU A 286 7.73 -14.82 7.05
N ASP A 287 8.77 -14.11 6.59
CA ASP A 287 10.13 -14.34 7.05
C ASP A 287 10.90 -13.08 6.66
N ILE A 288 10.82 -12.05 7.51
CA ILE A 288 11.40 -10.75 7.18
C ILE A 288 12.90 -10.85 6.96
N PHE A 289 13.58 -11.77 7.65
CA PHE A 289 15.02 -11.90 7.45
C PHE A 289 15.32 -12.37 6.04
N ARG A 290 14.59 -13.37 5.55
CA ARG A 290 14.77 -13.79 4.16
C ARG A 290 14.39 -12.68 3.20
N THR A 291 13.28 -11.99 3.45
CA THR A 291 12.86 -10.95 2.51
C THR A 291 13.93 -9.87 2.35
N LEU A 292 14.50 -9.44 3.47
CA LEU A 292 15.48 -8.36 3.44
C LEU A 292 16.80 -8.83 2.86
N ARG A 293 17.21 -10.07 3.18
CA ARG A 293 18.39 -10.61 2.51
C ARG A 293 18.22 -10.57 1.01
N GLU A 294 17.05 -11.01 0.51
CA GLU A 294 16.83 -11.08 -0.93
C GLU A 294 16.71 -9.69 -1.54
N MET A 295 15.99 -8.79 -0.87
CA MET A 295 15.81 -7.46 -1.45
C MET A 295 17.13 -6.68 -1.45
N ARG A 296 17.92 -6.79 -0.38
CA ARG A 296 19.17 -6.05 -0.32
C ARG A 296 20.21 -6.57 -1.32
N LYS A 297 20.18 -7.88 -1.62
CA LYS A 297 21.06 -8.42 -2.65
C LYS A 297 20.79 -7.76 -4.00
N ARG A 298 19.58 -7.26 -4.20
CA ARG A 298 19.17 -6.72 -5.49
C ARG A 298 19.10 -5.19 -5.54
N SER A 299 19.38 -4.49 -4.43
CA SER A 299 19.23 -3.04 -4.38
C SER A 299 19.97 -2.32 -5.50
N SER A 300 21.20 -2.74 -5.78
CA SER A 300 22.04 -2.05 -6.75
C SER A 300 22.01 -2.70 -8.11
N ILE A 301 21.18 -3.71 -8.32
CA ILE A 301 21.03 -4.38 -9.60
C ILE A 301 19.57 -4.38 -10.04
N GLY A 302 18.90 -3.24 -9.84
CA GLY A 302 17.56 -3.01 -10.36
C GLY A 302 16.47 -2.98 -9.32
N GLY A 303 16.77 -3.37 -8.09
CA GLY A 303 15.78 -3.47 -7.04
C GLY A 303 15.57 -2.16 -6.29
N PHE A 304 15.28 -2.29 -4.99
CA PHE A 304 14.94 -1.16 -4.14
C PHE A 304 16.05 -0.93 -3.13
N ASP A 305 16.33 0.34 -2.87
CA ASP A 305 17.24 0.75 -1.82
C ASP A 305 16.49 0.91 -0.51
N PHE A 306 17.22 0.83 0.58
CA PHE A 306 16.64 0.99 1.91
C PHE A 306 17.15 2.25 2.57
N MET A 307 16.32 2.84 3.42
CA MET A 307 16.70 4.02 4.17
C MET A 307 17.92 3.72 5.04
N PRO A 308 18.65 4.75 5.47
CA PRO A 308 19.84 4.52 6.31
C PRO A 308 19.50 3.73 7.58
N SER A 309 20.39 2.81 7.93
CA SER A 309 20.15 1.94 9.07
C SER A 309 20.35 2.73 10.36
N PRO A 310 19.71 2.32 11.45
CA PRO A 310 19.98 2.93 12.75
C PRO A 310 21.40 2.61 13.22
N PRO A 311 21.95 3.42 14.11
CA PRO A 311 23.32 3.17 14.60
C PRO A 311 23.38 1.92 15.46
N PRO A 312 24.58 1.40 15.73
CA PRO A 312 24.68 0.20 16.59
C PRO A 312 24.11 0.39 17.97
N THR A 313 24.05 1.63 18.48
CA THR A 313 23.41 1.87 19.77
C THR A 313 21.98 1.37 19.77
N TYR A 314 21.26 1.58 18.68
CA TYR A 314 19.89 1.09 18.57
C TYR A 314 19.82 -0.41 18.81
N TYR A 315 20.78 -1.15 18.27
CA TYR A 315 20.75 -2.61 18.45
C TYR A 315 21.25 -3.02 19.82
N GLN A 316 22.17 -2.27 20.40
CA GLN A 316 22.52 -2.45 21.80
C GLN A 316 21.30 -2.27 22.69
N ASN A 317 20.52 -1.21 22.46
CA ASN A 317 19.34 -0.93 23.25
C ASN A 317 18.20 -1.91 23.00
N LEU A 318 18.35 -2.83 22.04
CA LEU A 318 17.25 -3.76 21.75
C LEU A 318 17.15 -4.86 22.80
N LYS A 319 18.27 -5.26 23.40
CA LYS A 319 18.23 -6.32 24.40
C LYS A 319 17.27 -5.96 25.54
N LYS A 320 17.32 -4.71 26.00
CA LYS A 320 16.45 -4.30 27.10
C LYS A 320 14.99 -4.22 26.67
N ARG A 321 14.74 -3.93 25.39
CA ARG A 321 13.38 -3.71 24.93
C ARG A 321 12.67 -4.98 24.48
N VAL A 322 13.39 -5.89 23.82
CA VAL A 322 12.75 -7.05 23.20
C VAL A 322 13.56 -8.32 23.44
N GLY A 323 14.45 -8.29 24.44
CA GLY A 323 15.28 -9.44 24.74
C GLY A 323 14.52 -10.68 25.14
N ASP A 324 13.25 -10.53 25.53
CA ASP A 324 12.38 -11.66 25.82
C ASP A 324 11.66 -12.19 24.58
N VAL A 325 11.79 -11.50 23.45
CA VAL A 325 11.12 -11.89 22.22
C VAL A 325 12.11 -12.41 21.18
N LEU A 326 13.27 -11.77 21.07
CA LEU A 326 14.27 -12.13 20.07
C LEU A 326 15.55 -12.56 20.78
N SER A 327 16.16 -13.62 20.25
CA SER A 327 17.44 -14.08 20.76
C SER A 327 18.54 -13.09 20.37
N ASP A 328 19.73 -13.31 20.94
CA ASP A 328 20.89 -12.49 20.56
C ASP A 328 21.22 -12.67 19.08
N ASP A 329 21.13 -13.91 18.59
CA ASP A 329 21.37 -14.18 17.18
C ASP A 329 20.32 -13.48 16.32
N GLN A 330 19.05 -13.55 16.74
CA GLN A 330 17.98 -12.89 16.00
C GLN A 330 18.11 -11.38 16.07
N ILE A 331 18.56 -10.86 17.21
CA ILE A 331 18.85 -9.43 17.30
C ILE A 331 20.00 -9.05 16.39
N LYS A 332 21.03 -9.91 16.33
CA LYS A 332 22.17 -9.66 15.44
C LYS A 332 21.75 -9.68 13.98
N GLU A 333 20.84 -10.59 13.62
CA GLU A 333 20.31 -10.61 12.25
C GLU A 333 19.56 -9.33 11.94
N CYS A 334 18.83 -8.80 12.91
CA CYS A 334 18.17 -7.51 12.74
C CYS A 334 19.20 -6.42 12.43
N GLU A 335 20.33 -6.45 13.14
CA GLU A 335 21.36 -5.43 12.93
C GLU A 335 22.03 -5.59 11.57
N GLU A 336 22.28 -6.84 11.13
CA GLU A 336 22.88 -7.06 9.82
C GLU A 336 22.01 -6.49 8.70
N LEU A 337 20.70 -6.49 8.89
CA LEU A 337 19.76 -6.12 7.82
C LEU A 337 19.18 -4.72 7.99
N GLY A 338 19.50 -4.03 9.09
CA GLY A 338 18.95 -2.70 9.33
C GLY A 338 17.50 -2.69 9.77
N ILE A 339 17.01 -3.79 10.34
CA ILE A 339 15.61 -3.93 10.73
C ILE A 339 15.36 -3.19 12.04
N LEU A 340 14.23 -2.47 12.11
CA LEU A 340 13.77 -1.81 13.33
C LEU A 340 12.76 -2.70 14.06
N VAL A 341 12.67 -2.51 15.37
CA VAL A 341 11.78 -3.30 16.22
C VAL A 341 10.99 -2.35 17.13
N ASP A 342 9.70 -2.59 17.24
CA ASP A 342 8.88 -1.87 18.19
C ASP A 342 7.95 -2.83 18.90
N ARG A 343 7.40 -2.38 20.02
CA ARG A 343 6.57 -3.24 20.84
C ARG A 343 5.50 -2.39 21.47
N ASP A 344 4.28 -2.93 21.53
CA ASP A 344 3.23 -2.31 22.32
C ASP A 344 2.82 -3.26 23.45
N ASP A 345 1.57 -3.14 23.91
CA ASP A 345 1.09 -3.96 25.01
C ASP A 345 0.78 -5.40 24.60
N GLN A 346 0.57 -5.64 23.30
CA GLN A 346 0.05 -6.92 22.83
C GLN A 346 1.02 -7.72 21.97
N GLY A 347 1.93 -7.06 21.27
CA GLY A 347 2.83 -7.78 20.40
C GLY A 347 4.04 -6.97 20.04
N THR A 348 4.84 -7.52 19.13
CA THR A 348 6.10 -6.94 18.70
C THR A 348 6.10 -6.86 17.17
N LEU A 349 6.70 -5.81 16.65
CA LEU A 349 6.74 -5.65 15.20
C LEU A 349 8.18 -5.45 14.75
N LEU A 350 8.53 -6.08 13.63
CA LEU A 350 9.79 -5.85 12.94
C LEU A 350 9.44 -5.08 11.67
N GLN A 351 10.20 -4.01 11.38
CA GLN A 351 9.85 -3.17 10.25
C GLN A 351 11.11 -2.56 9.64
N ILE A 352 11.02 -2.23 8.34
CA ILE A 352 12.08 -1.53 7.66
C ILE A 352 11.47 -0.80 6.47
N PHE A 353 12.13 0.28 6.03
CA PHE A 353 11.59 1.18 5.04
C PHE A 353 12.51 1.32 3.84
N THR A 354 11.93 1.26 2.65
CA THR A 354 12.69 1.54 1.45
C THR A 354 12.86 3.04 1.27
N LYS A 355 13.86 3.40 0.47
CA LYS A 355 13.90 4.74 -0.13
C LYS A 355 12.70 4.89 -1.08
N PRO A 356 12.39 6.11 -1.51
CA PRO A 356 11.24 6.29 -2.41
C PRO A 356 11.30 5.39 -3.63
N LEU A 357 10.12 4.94 -4.09
CA LEU A 357 10.05 3.96 -5.16
C LEU A 357 10.39 4.54 -6.52
N GLY A 358 10.25 5.85 -6.68
CA GLY A 358 10.45 6.50 -7.97
C GLY A 358 11.26 7.78 -7.84
N ASP A 359 11.11 8.68 -8.82
CA ASP A 359 11.95 9.87 -8.86
C ASP A 359 11.68 10.81 -7.71
N ARG A 360 10.40 10.92 -7.26
CA ARG A 360 10.05 11.94 -6.30
C ARG A 360 10.14 11.39 -4.89
N PRO A 361 10.44 12.24 -3.89
CA PRO A 361 10.55 11.77 -2.49
C PRO A 361 9.17 11.65 -1.85
N THR A 362 8.38 10.78 -2.43
CA THR A 362 7.02 10.61 -2.05
C THR A 362 6.68 9.19 -1.55
N ILE A 363 6.24 8.31 -2.43
CA ILE A 363 5.82 6.98 -1.98
C ILE A 363 7.03 6.10 -1.69
N PHE A 364 6.91 5.28 -0.64
CA PHE A 364 7.89 4.27 -0.30
C PHE A 364 7.17 3.01 0.18
N ILE A 365 7.97 1.97 0.47
CA ILE A 365 7.46 0.68 0.92
C ILE A 365 8.05 0.39 2.28
N GLU A 366 7.23 -0.23 3.12
CA GLU A 366 7.64 -0.80 4.39
C GLU A 366 7.49 -2.31 4.32
N ILE A 367 8.50 -3.04 4.81
CA ILE A 367 8.38 -4.48 5.01
C ILE A 367 8.20 -4.72 6.50
N ILE A 368 7.24 -5.57 6.86
CA ILE A 368 6.87 -5.76 8.27
C ILE A 368 6.65 -7.25 8.55
N GLN A 369 6.88 -7.64 9.79
CA GLN A 369 6.42 -8.92 10.30
C GLN A 369 6.04 -8.72 11.77
N ARG A 370 4.97 -9.38 12.19
CA ARG A 370 4.38 -9.15 13.49
C ARG A 370 4.46 -10.42 14.33
N VAL A 371 4.73 -10.25 15.63
CA VAL A 371 4.91 -11.36 16.57
C VAL A 371 3.94 -11.15 17.72
N GLY A 372 3.06 -12.14 17.92
CA GLY A 372 2.14 -12.09 19.05
C GLY A 372 0.69 -12.12 18.65
N CYS A 373 -0.19 -11.75 19.60
CA CYS A 373 -1.62 -11.62 19.37
C CYS A 373 -2.21 -12.82 18.63
N MET A 374 -1.80 -14.01 19.07
CA MET A 374 -2.32 -15.24 18.48
C MET A 374 -3.63 -15.58 19.17
N MET A 375 -4.64 -15.87 18.36
CA MET A 375 -5.96 -16.23 18.88
C MET A 375 -6.35 -17.57 18.26
N TYR A 383 -5.05 -17.84 14.44
CA TYR A 383 -4.84 -16.65 13.62
C TYR A 383 -4.19 -15.54 14.43
N GLN A 384 -3.61 -14.56 13.74
CA GLN A 384 -3.04 -13.38 14.37
C GLN A 384 -3.99 -12.21 14.22
N SER A 385 -4.19 -11.46 15.31
CA SER A 385 -5.03 -10.27 15.25
C SER A 385 -4.38 -9.20 14.38
N GLY A 386 -5.22 -8.45 13.68
CA GLY A 386 -4.70 -7.38 12.84
C GLY A 386 -3.99 -6.31 13.67
N GLY A 387 -2.93 -5.75 13.08
CA GLY A 387 -2.22 -4.66 13.73
C GLY A 387 -1.44 -5.03 14.97
N CYS A 388 -1.17 -6.32 15.17
CA CYS A 388 -0.45 -6.79 16.34
C CYS A 388 0.90 -6.09 16.48
N GLY A 389 1.06 -5.32 17.57
CA GLY A 389 2.31 -4.64 17.84
C GLY A 389 2.32 -3.18 17.41
N GLY A 390 1.30 -2.73 16.70
CA GLY A 390 1.19 -1.33 16.35
C GLY A 390 1.77 -0.97 14.99
N PHE A 391 2.27 0.26 14.86
CA PHE A 391 2.79 0.76 13.59
C PHE A 391 4.21 1.30 13.74
N GLY A 392 4.84 1.11 14.89
CA GLY A 392 6.22 1.50 15.10
C GLY A 392 6.40 2.90 15.62
N LYS A 393 5.35 3.53 16.14
CA LYS A 393 5.45 4.92 16.59
C LYS A 393 6.50 5.08 17.67
N GLY A 394 6.74 4.04 18.48
CA GLY A 394 7.79 4.10 19.48
C GLY A 394 9.18 4.21 18.89
N ASN A 395 9.34 3.90 17.60
CA ASN A 395 10.66 4.01 16.99
C ASN A 395 11.06 5.45 16.70
N PHE A 396 10.12 6.40 16.75
CA PHE A 396 10.50 7.81 16.64
C PHE A 396 11.37 8.21 17.82
N SER A 397 10.94 7.86 19.04
CA SER A 397 11.74 8.14 20.23
C SER A 397 13.04 7.34 20.22
N GLU A 398 12.95 6.03 19.96
CA GLU A 398 14.12 5.16 20.09
C GLU A 398 15.20 5.50 19.09
N LEU A 399 14.84 5.98 17.90
CA LEU A 399 15.85 6.38 16.93
C LEU A 399 16.51 7.69 17.35
N PHE A 400 15.68 8.70 17.66
CA PHE A 400 16.15 9.96 18.24
C PHE A 400 17.06 9.70 19.44
N LYS A 401 16.61 8.87 20.38
CA LYS A 401 17.43 8.48 21.52
C LYS A 401 18.73 7.84 21.04
N SER A 402 18.63 6.90 20.10
CA SER A 402 19.80 6.12 19.71
C SER A 402 20.82 6.95 18.95
N ILE A 403 20.36 7.90 18.13
CA ILE A 403 21.28 8.72 17.35
C ILE A 403 22.16 9.56 18.27
N GLU A 404 21.54 10.24 19.24
CA GLU A 404 22.29 11.04 20.19
C GLU A 404 23.27 10.19 20.99
N GLU A 405 22.75 9.13 21.63
CA GLU A 405 23.58 8.14 22.30
C GLU A 405 24.80 7.77 21.46
N TYR A 406 24.57 7.53 20.16
CA TYR A 406 25.64 7.04 19.29
C TYR A 406 26.77 8.06 19.14
N GLU A 407 26.44 9.36 19.19
CA GLU A 407 27.49 10.37 19.21
C GLU A 407 28.48 10.11 20.34
N LYS A 408 27.99 9.61 21.47
CA LYS A 408 28.81 9.00 22.52
C LYS A 408 30.04 9.79 22.93
CO CO B . 3.79 1.81 8.44
C13 YFC C . 2.58 4.28 10.07
C15 YFC C . 3.93 5.93 10.79
C17 YFC C . 1.49 5.35 11.90
C22 YFC C . 9.87 5.87 8.31
C24 YFC C . 9.96 7.41 6.19
C26 YFC C . 10.11 8.84 4.25
C28 YFC C . 11.02 6.61 4.18
C01 YFC C . 7.89 4.47 12.56
C02 YFC C . 8.87 5.06 11.79
C03 YFC C . 8.70 5.41 10.45
C04 YFC C . 7.46 5.13 9.89
C05 YFC C . 6.48 4.53 10.67
C06 YFC C . 6.66 4.19 11.99
C08 YFC C . 11.00 6.95 11.87
C09 YFC C . 10.92 6.75 10.36
C11 YFC C . 5.13 4.22 10.00
C12 YFC C . 3.84 5.00 10.28
C16 YFC C . 2.82 6.56 11.68
C18 YFC C . 1.43 4.69 10.40
C23 YFC C . 9.51 7.18 7.63
C25 YFC C . 9.70 8.63 5.56
C27 YFC C . 10.76 7.83 3.56
C29 YFC C . 10.61 6.40 5.49
C30 YFC C . 11.20 8.06 2.12
N10 YFC C . 9.83 6.01 9.75
O14 YFC C . 2.56 3.24 9.47
O19 YFC C . 4.93 6.84 10.46
O20 YFC C . 5.14 3.29 9.26
O21 YFC C . 11.78 7.18 9.67
O31 YFC C . 8.88 8.00 8.21
S07 YFC C . 10.46 5.39 12.59
#